data_3NLC
#
_entry.id   3NLC
#
_cell.length_a   69.079
_cell.length_b   78.166
_cell.length_c   101.875
_cell.angle_alpha   90.00
_cell.angle_beta   90.00
_cell.angle_gamma   90.00
#
_symmetry.space_group_name_H-M   'P 21 21 21'
#
loop_
_entity.id
_entity.type
_entity.pdbx_description
1 polymer 'Uncharacterized protein VP0956'
2 non-polymer 'FLAVIN-ADENINE DINUCLEOTIDE'
3 water water
#
_entity_poly.entity_id   1
_entity_poly.type   'polypeptide(L)'
_entity_poly.pdbx_seq_one_letter_code
;(MSE)GHHHHHHSH(MSE)IRINEIKLPLDHEEGALLDAITKKLGIPAEKVISFNVFRRGYDARKKTNIHLIYTLDIIVE
GDETALLAKFANDPHVRQTPD(MSE)EYKFVAKAPENLTERPIVIGFGPCGLFAGLVLAQ(MSE)GFNPIIVERGKEVRE
RTKDTFGFWRKRTLNPESNVQFGEGGAGTFSDGKLYSQVKDPNFYGRKVITEFVEAGAPEEILYVSKPHIGTFKLVT
(MSE)IEK(MSE)RATIIELGGEIRFSTRVDDLH(MSE)EDGQITGVTLSNGEEIKSRHVVLAVGHSARDTFE(MSE)LH
ERGVY(MSE)EAKPFSVGFRIEHKQS(MSE)IDEARFGPNAGHPILGAADYKLVHHCKNGRTVYSFC(MSE)CPGGTVVA
ATSEEGRVVTNG(MSE)SQYSRAERNANSAIVVGISPEVDYPGDPLAGIRFQRELESNAYKLGGENYDAPAQKIGDFLKG
RDPSQLGDVEPSFTPGIKLTDLSKALPPFAVEAIREAIPAFDRKIKGFASEDGLLTGVETRTSSPVCIKRGKDFQSVNLK
GFYPAGEGAGYAGGILSAGIDGIKVAEAVARDIVAA(MSE)ENA
;
_entity_poly.pdbx_strand_id   A
#
loop_
_chem_comp.id
_chem_comp.type
_chem_comp.name
_chem_comp.formula
FAD non-polymer 'FLAVIN-ADENINE DINUCLEOTIDE' 'C27 H33 N9 O15 P2'
#
# COMPACT_ATOMS: atom_id res chain seq x y z
N MSE A 11 30.07 -6.52 -9.45
CA MSE A 11 29.79 -7.53 -8.43
C MSE A 11 29.32 -8.81 -9.07
O MSE A 11 28.81 -8.82 -10.19
CB MSE A 11 28.71 -7.07 -7.45
CG MSE A 11 29.07 -5.91 -6.53
SE MSE A 11 27.50 -5.32 -5.43
CE MSE A 11 27.63 -6.60 -3.95
N ILE A 12 29.44 -9.89 -8.31
CA ILE A 12 29.07 -11.22 -8.76
C ILE A 12 27.85 -11.73 -8.00
N ARG A 13 26.84 -12.18 -8.73
CA ARG A 13 25.61 -12.63 -8.10
C ARG A 13 25.56 -14.14 -8.10
N ILE A 14 25.43 -14.74 -6.92
CA ILE A 14 25.28 -16.17 -6.79
C ILE A 14 23.87 -16.43 -6.31
N ASN A 15 23.10 -17.26 -7.01
CA ASN A 15 21.76 -17.56 -6.49
C ASN A 15 21.49 -19.03 -6.29
N GLU A 16 20.34 -19.35 -5.71
CA GLU A 16 19.97 -20.73 -5.41
C GLU A 16 20.83 -21.37 -4.31
N ILE A 17 21.35 -20.54 -3.42
CA ILE A 17 22.06 -21.02 -2.24
C ILE A 17 21.07 -21.48 -1.20
N LYS A 18 21.04 -22.80 -0.96
CA LYS A 18 20.15 -23.38 0.04
C LYS A 18 20.88 -23.61 1.36
N LEU A 19 20.30 -23.12 2.44
CA LEU A 19 20.87 -23.34 3.77
C LEU A 19 19.77 -23.66 4.74
N PRO A 20 20.04 -24.57 5.68
CA PRO A 20 18.99 -24.91 6.64
C PRO A 20 18.46 -23.64 7.34
N LEU A 21 17.20 -23.70 7.77
CA LEU A 21 16.58 -22.56 8.40
C LEU A 21 17.44 -22.01 9.53
N ASP A 22 18.00 -22.90 10.34
CA ASP A 22 18.72 -22.47 11.53
C ASP A 22 20.22 -22.37 11.37
N HIS A 23 20.67 -22.11 10.15
CA HIS A 23 22.10 -22.03 9.87
C HIS A 23 22.78 -20.94 10.69
N GLU A 24 24.04 -21.18 11.05
CA GLU A 24 24.82 -20.26 11.87
C GLU A 24 25.18 -19.05 11.03
N GLU A 25 25.61 -17.97 11.68
CA GLU A 25 26.01 -16.77 10.97
C GLU A 25 27.19 -17.13 10.06
N GLY A 26 27.28 -16.51 8.91
CA GLY A 26 28.42 -16.79 8.04
C GLY A 26 28.47 -18.22 7.51
N ALA A 27 27.33 -18.91 7.57
CA ALA A 27 27.11 -20.04 6.69
C ALA A 27 27.00 -19.42 5.31
N LEU A 28 26.60 -18.15 5.29
CA LEU A 28 26.58 -17.39 4.04
C LEU A 28 27.96 -17.33 3.38
N LEU A 29 28.95 -16.84 4.13
CA LEU A 29 30.29 -16.65 3.61
C LEU A 29 30.89 -17.99 3.16
N ASP A 30 30.61 -19.04 3.93
CA ASP A 30 31.04 -20.40 3.62
C ASP A 30 30.50 -20.82 2.26
N ALA A 31 29.26 -20.46 2.01
CA ALA A 31 28.60 -20.78 0.76
C ALA A 31 29.15 -19.94 -0.38
N ILE A 32 29.65 -18.74 -0.09
CA ILE A 32 30.34 -17.95 -1.10
C ILE A 32 31.64 -18.66 -1.53
N THR A 33 32.42 -19.11 -0.54
CA THR A 33 33.73 -19.69 -0.83
C THR A 33 33.58 -21.06 -1.49
N LYS A 34 32.65 -21.87 -0.99
CA LYS A 34 32.37 -23.16 -1.59
C LYS A 34 32.00 -23.00 -3.06
N LYS A 35 31.02 -22.13 -3.31
CA LYS A 35 30.53 -21.94 -4.67
C LYS A 35 31.58 -21.36 -5.63
N LEU A 36 32.26 -20.29 -5.24
CA LEU A 36 33.16 -19.60 -6.17
C LEU A 36 34.62 -20.12 -6.08
N GLY A 37 34.82 -21.16 -5.28
CA GLY A 37 36.14 -21.71 -5.06
C GLY A 37 37.17 -20.66 -4.67
N ILE A 38 36.72 -19.54 -4.08
CA ILE A 38 37.64 -18.50 -3.64
C ILE A 38 37.76 -18.47 -2.12
N PRO A 39 38.93 -18.06 -1.60
CA PRO A 39 39.10 -18.08 -0.15
C PRO A 39 38.39 -16.89 0.47
N ALA A 40 38.08 -16.97 1.76
CA ALA A 40 37.45 -15.87 2.48
C ALA A 40 38.10 -14.53 2.20
N GLU A 41 39.42 -14.55 2.01
CA GLU A 41 40.23 -13.34 1.88
C GLU A 41 40.00 -12.58 0.58
N LYS A 42 39.38 -13.22 -0.41
CA LYS A 42 39.17 -12.55 -1.68
C LYS A 42 37.83 -11.80 -1.71
N VAL A 43 36.94 -12.17 -0.80
CA VAL A 43 35.63 -11.52 -0.67
C VAL A 43 35.72 -10.15 -0.01
N ILE A 44 35.70 -9.09 -0.80
CA ILE A 44 35.72 -7.73 -0.25
C ILE A 44 34.47 -7.45 0.62
N SER A 45 33.28 -7.68 0.06
CA SER A 45 32.04 -7.65 0.81
C SER A 45 30.90 -8.38 0.08
N PHE A 46 29.80 -8.64 0.77
CA PHE A 46 28.59 -9.13 0.11
C PHE A 46 27.30 -8.57 0.73
N ASN A 47 26.28 -8.47 -0.13
CA ASN A 47 24.91 -8.09 0.24
C ASN A 47 24.01 -9.31 0.14
N VAL A 48 22.94 -9.32 0.94
CA VAL A 48 21.91 -10.29 0.71
C VAL A 48 20.92 -9.62 -0.19
N PHE A 49 20.77 -10.13 -1.41
CA PHE A 49 19.87 -9.52 -2.39
C PHE A 49 18.50 -10.14 -2.33
N ARG A 50 18.42 -11.37 -1.83
CA ARG A 50 17.14 -12.02 -1.68
C ARG A 50 17.26 -13.20 -0.72
N ARG A 51 16.38 -13.23 0.28
CA ARG A 51 16.27 -14.37 1.19
C ARG A 51 14.82 -14.85 1.23
N GLY A 52 14.59 -16.06 0.70
CA GLY A 52 13.27 -16.65 0.72
C GLY A 52 13.29 -18.04 1.33
N TYR A 53 12.18 -18.77 1.21
CA TYR A 53 12.15 -20.16 1.66
C TYR A 53 11.08 -21.00 0.96
N ASP A 54 11.26 -22.30 0.95
CA ASP A 54 10.29 -23.19 0.32
C ASP A 54 9.27 -23.68 1.35
N ALA A 55 8.03 -23.18 1.23
CA ALA A 55 6.99 -23.38 2.23
C ALA A 55 6.38 -24.79 2.28
N ARG A 56 7.20 -25.77 2.66
CA ARG A 56 6.73 -27.15 2.74
C ARG A 56 6.91 -27.74 4.14
N ILE A 61 12.65 -26.83 7.15
CA ILE A 61 12.66 -25.74 6.17
C ILE A 61 14.06 -25.49 5.64
N HIS A 62 14.13 -24.77 4.53
CA HIS A 62 15.42 -24.39 3.95
C HIS A 62 15.30 -22.96 3.41
N LEU A 63 16.28 -22.14 3.74
CA LEU A 63 16.33 -20.78 3.24
C LEU A 63 16.99 -20.76 1.88
N ILE A 64 16.58 -19.79 1.06
CA ILE A 64 17.12 -19.65 -0.28
C ILE A 64 17.65 -18.25 -0.48
N TYR A 65 18.97 -18.13 -0.61
CA TYR A 65 19.59 -16.82 -0.80
C TYR A 65 20.04 -16.56 -2.22
N THR A 66 20.11 -15.28 -2.53
CA THR A 66 20.78 -14.77 -3.70
C THR A 66 21.72 -13.72 -3.13
N LEU A 67 23.02 -13.91 -3.29
CA LEU A 67 23.97 -12.94 -2.76
C LEU A 67 24.65 -12.15 -3.87
N ASP A 68 24.83 -10.86 -3.65
CA ASP A 68 25.68 -10.06 -4.53
C ASP A 68 27.02 -9.85 -3.83
N ILE A 69 28.11 -10.17 -4.54
CA ILE A 69 29.44 -10.26 -3.94
C ILE A 69 30.46 -9.36 -4.66
N ILE A 70 31.17 -8.54 -3.89
CA ILE A 70 32.33 -7.85 -4.45
C ILE A 70 33.60 -8.64 -4.16
N VAL A 71 34.23 -9.18 -5.20
CA VAL A 71 35.50 -9.89 -5.03
C VAL A 71 36.68 -9.00 -5.40
N GLU A 72 37.81 -9.19 -4.76
CA GLU A 72 38.98 -8.42 -5.15
C GLU A 72 39.64 -9.02 -6.40
N GLY A 73 40.34 -8.17 -7.15
CA GLY A 73 41.03 -8.61 -8.35
C GLY A 73 40.15 -8.50 -9.58
N ASP A 74 40.47 -9.30 -10.60
CA ASP A 74 39.70 -9.28 -11.85
C ASP A 74 38.48 -10.20 -11.76
N GLU A 75 37.34 -9.63 -11.38
CA GLU A 75 36.08 -10.38 -11.27
C GLU A 75 35.62 -10.84 -12.64
N THR A 76 35.86 -9.98 -13.63
CA THR A 76 35.66 -10.32 -15.03
C THR A 76 36.33 -11.66 -15.34
N ALA A 77 37.52 -11.88 -14.77
CA ALA A 77 38.21 -13.15 -14.98
C ALA A 77 37.48 -14.26 -14.23
N LEU A 78 37.05 -13.97 -13.01
CA LEU A 78 36.39 -14.99 -12.20
C LEU A 78 35.08 -15.43 -12.83
N LEU A 79 34.34 -14.48 -13.40
CA LEU A 79 33.06 -14.83 -14.03
C LEU A 79 33.29 -15.77 -15.20
N ALA A 80 34.28 -15.43 -16.02
CA ALA A 80 34.70 -16.27 -17.16
C ALA A 80 34.89 -17.74 -16.80
N LYS A 81 35.51 -18.01 -15.66
CA LYS A 81 35.71 -19.39 -15.21
C LYS A 81 34.43 -20.09 -14.72
N PHE A 82 33.31 -19.37 -14.76
CA PHE A 82 32.03 -19.91 -14.29
C PHE A 82 30.93 -19.75 -15.36
N ALA A 83 31.32 -19.23 -16.52
CA ALA A 83 30.45 -19.12 -17.68
C ALA A 83 29.40 -20.23 -17.77
N ASN A 84 29.84 -21.47 -17.54
CA ASN A 84 28.94 -22.61 -17.67
C ASN A 84 28.02 -22.82 -16.46
N ASP A 85 28.04 -21.88 -15.52
CA ASP A 85 27.22 -21.98 -14.31
C ASP A 85 26.09 -20.94 -14.36
N PRO A 86 24.85 -21.42 -14.43
CA PRO A 86 23.69 -20.54 -14.53
C PRO A 86 23.51 -19.70 -13.26
N HIS A 87 23.84 -20.29 -12.12
CA HIS A 87 23.67 -19.62 -10.83
C HIS A 87 24.82 -18.70 -10.45
N VAL A 88 25.67 -18.39 -11.42
CA VAL A 88 26.74 -17.43 -11.24
C VAL A 88 26.70 -16.44 -12.39
N ARG A 89 26.11 -15.28 -12.10
CA ARG A 89 25.90 -14.25 -13.09
C ARG A 89 26.67 -13.02 -12.67
N GLN A 90 26.78 -12.06 -13.56
CA GLN A 90 27.25 -10.73 -13.23
C GLN A 90 26.07 -9.92 -12.65
N THR A 91 26.28 -9.26 -11.51
CA THR A 91 25.20 -8.51 -10.85
C THR A 91 24.72 -7.32 -11.68
N PRO A 92 23.43 -7.29 -12.02
CA PRO A 92 22.86 -6.23 -12.88
C PRO A 92 23.10 -4.84 -12.31
N ASP A 93 23.14 -3.81 -13.16
CA ASP A 93 23.30 -2.44 -12.69
C ASP A 93 21.96 -1.86 -12.23
N MSE A 94 21.72 -1.92 -10.93
CA MSE A 94 20.41 -1.60 -10.37
C MSE A 94 20.32 -0.17 -9.84
O MSE A 94 19.33 0.21 -9.20
CB MSE A 94 20.10 -2.58 -9.25
CG MSE A 94 19.82 -3.98 -9.73
SE MSE A 94 19.46 -5.17 -8.26
CE MSE A 94 21.04 -4.77 -7.17
N GLU A 95 21.36 0.62 -10.10
CA GLU A 95 21.40 1.99 -9.59
C GLU A 95 20.35 2.88 -10.28
N TYR A 96 19.54 3.57 -9.49
CA TYR A 96 18.53 4.45 -10.06
C TYR A 96 19.15 5.59 -10.85
N LYS A 97 18.58 5.87 -12.02
CA LYS A 97 19.08 6.92 -12.91
C LYS A 97 18.17 8.16 -12.93
N PHE A 98 18.71 9.27 -12.44
CA PHE A 98 18.03 10.53 -12.55
C PHE A 98 17.99 10.95 -14.02
N VAL A 99 16.78 11.06 -14.56
CA VAL A 99 16.54 11.34 -15.97
C VAL A 99 16.84 12.79 -16.35
N ALA A 100 17.02 13.63 -15.34
CA ALA A 100 17.24 15.05 -15.59
C ALA A 100 17.65 15.82 -14.34
N LYS A 101 17.86 17.12 -14.54
CA LYS A 101 18.17 18.06 -13.48
C LYS A 101 17.44 19.34 -13.85
N ALA A 102 17.00 20.09 -12.84
CA ALA A 102 16.24 21.30 -13.12
C ALA A 102 17.10 22.40 -13.75
N PRO A 103 16.68 22.92 -14.91
CA PRO A 103 17.40 24.04 -15.53
C PRO A 103 17.48 25.21 -14.56
N GLU A 104 18.61 25.91 -14.55
CA GLU A 104 18.79 27.04 -13.63
C GLU A 104 17.84 28.19 -13.98
N ASN A 105 17.21 28.09 -15.15
CA ASN A 105 16.21 29.04 -15.60
C ASN A 105 14.98 29.11 -14.68
N LEU A 106 14.48 27.92 -14.32
CA LEU A 106 13.21 27.75 -13.57
C LEU A 106 12.80 28.89 -12.65
N THR A 107 11.54 29.29 -12.80
CA THR A 107 10.90 30.23 -11.88
C THR A 107 9.61 29.61 -11.36
N GLU A 108 9.17 28.53 -12.02
CA GLU A 108 7.93 27.86 -11.65
C GLU A 108 8.19 26.55 -10.89
N ARG A 109 7.72 26.49 -9.65
CA ARG A 109 7.83 25.28 -8.87
C ARG A 109 6.61 24.36 -9.08
N PRO A 110 6.87 23.11 -9.49
CA PRO A 110 5.83 22.09 -9.62
C PRO A 110 5.13 21.89 -8.29
N ILE A 111 3.81 21.71 -8.32
CA ILE A 111 2.99 21.43 -7.15
C ILE A 111 2.70 19.94 -7.09
N VAL A 112 2.70 19.38 -5.88
CA VAL A 112 2.31 17.99 -5.66
C VAL A 112 1.17 17.98 -4.64
N ILE A 113 0.03 17.40 -5.00
CA ILE A 113 -1.10 17.43 -4.08
C ILE A 113 -1.26 16.10 -3.39
N GLY A 114 -0.97 16.06 -2.09
CA GLY A 114 -1.03 14.81 -1.33
C GLY A 114 0.35 14.24 -0.97
N PHE A 115 0.48 13.71 0.24
CA PHE A 115 1.79 13.25 0.73
C PHE A 115 1.68 11.82 1.25
N GLY A 116 1.04 10.98 0.45
CA GLY A 116 1.03 9.55 0.68
C GLY A 116 2.26 9.02 -0.06
N PRO A 117 2.41 7.70 -0.14
CA PRO A 117 3.60 7.13 -0.79
C PRO A 117 3.80 7.72 -2.20
N CYS A 118 2.71 7.94 -2.93
CA CYS A 118 2.86 8.46 -4.28
C CYS A 118 3.37 9.91 -4.33
N GLY A 119 2.73 10.81 -3.60
CA GLY A 119 3.24 12.17 -3.51
C GLY A 119 4.65 12.21 -2.93
N LEU A 120 4.90 11.32 -1.98
CA LEU A 120 6.21 11.24 -1.35
C LEU A 120 7.32 11.11 -2.41
N PHE A 121 7.19 10.15 -3.32
CA PHE A 121 8.27 9.93 -4.28
C PHE A 121 8.30 10.90 -5.46
N ALA A 122 7.14 11.34 -5.93
CA ALA A 122 7.11 12.42 -6.90
C ALA A 122 7.90 13.62 -6.36
N GLY A 123 7.65 13.95 -5.08
CA GLY A 123 8.28 15.09 -4.43
C GLY A 123 9.75 14.88 -4.08
N LEU A 124 10.09 13.68 -3.65
CA LEU A 124 11.49 13.36 -3.32
C LEU A 124 12.37 13.38 -4.56
N VAL A 125 11.89 12.74 -5.63
CA VAL A 125 12.64 12.71 -6.90
C VAL A 125 12.74 14.08 -7.56
N LEU A 126 11.66 14.85 -7.55
CA LEU A 126 11.70 16.24 -8.04
C LEU A 126 12.69 17.07 -7.21
N ALA A 127 12.67 16.87 -5.90
CA ALA A 127 13.58 17.64 -5.04
C ALA A 127 15.04 17.22 -5.25
N GLN A 128 15.28 15.93 -5.42
CA GLN A 128 16.65 15.46 -5.66
C GLN A 128 17.21 15.99 -6.98
N MSE A 129 16.32 16.29 -7.92
CA MSE A 129 16.72 16.84 -9.22
C MSE A 129 16.68 18.37 -9.14
O MSE A 129 16.70 19.05 -10.16
CB MSE A 129 15.79 16.35 -10.32
CG MSE A 129 15.80 14.85 -10.57
SE MSE A 129 14.55 14.37 -12.02
CE MSE A 129 15.02 12.48 -12.25
N GLY A 130 16.60 18.89 -7.92
CA GLY A 130 16.63 20.32 -7.70
C GLY A 130 15.47 21.12 -8.25
N PHE A 131 14.32 20.47 -8.47
CA PHE A 131 13.12 21.19 -8.91
C PHE A 131 12.39 22.00 -7.83
N ASN A 132 12.78 21.83 -6.57
CA ASN A 132 12.14 22.58 -5.48
C ASN A 132 10.60 22.45 -5.45
N PRO A 133 10.10 21.22 -5.37
CA PRO A 133 8.65 21.00 -5.42
C PRO A 133 7.92 21.52 -4.20
N ILE A 134 6.71 22.05 -4.39
CA ILE A 134 5.80 22.36 -3.28
C ILE A 134 4.81 21.21 -3.07
N ILE A 135 4.86 20.59 -1.91
CA ILE A 135 3.93 19.52 -1.59
C ILE A 135 2.84 20.01 -0.62
N VAL A 136 1.58 19.92 -1.04
CA VAL A 136 0.51 20.21 -0.09
C VAL A 136 -0.20 18.93 0.35
N GLU A 137 -0.60 18.92 1.62
CA GLU A 137 -1.27 17.79 2.26
C GLU A 137 -2.39 18.32 3.16
N ARG A 138 -3.62 17.97 2.81
CA ARG A 138 -4.78 18.38 3.60
C ARG A 138 -4.68 17.88 5.04
N GLY A 139 -3.98 16.76 5.24
CA GLY A 139 -3.87 16.18 6.57
C GLY A 139 -2.75 16.78 7.41
N LYS A 140 -2.36 16.07 8.47
CA LYS A 140 -1.40 16.60 9.45
C LYS A 140 -0.06 15.85 9.48
N GLU A 141 0.95 16.51 10.05
CA GLU A 141 2.19 15.86 10.48
C GLU A 141 1.82 14.63 11.30
N VAL A 142 2.62 13.58 11.16
CA VAL A 142 2.25 12.26 11.61
C VAL A 142 2.04 12.12 13.14
N ARG A 143 2.69 12.95 13.94
CA ARG A 143 2.50 12.84 15.37
C ARG A 143 1.13 13.40 15.79
N GLU A 144 0.78 14.59 15.34
CA GLU A 144 -0.57 15.08 15.62
C GLU A 144 -1.66 14.20 14.95
N ARG A 145 -1.39 13.75 13.73
CA ARG A 145 -2.27 12.82 13.01
C ARG A 145 -2.57 11.61 13.85
N THR A 146 -1.52 11.03 14.44
CA THR A 146 -1.66 9.91 15.37
C THR A 146 -2.55 10.27 16.59
N LYS A 147 -2.46 11.51 17.07
CA LYS A 147 -3.36 11.94 18.14
C LYS A 147 -4.80 11.89 17.68
N ASP A 148 -5.07 12.56 16.55
CA ASP A 148 -6.39 12.64 15.94
C ASP A 148 -7.01 11.27 15.66
N THR A 149 -6.18 10.33 15.20
CA THR A 149 -6.64 9.02 14.76
C THR A 149 -6.84 8.03 15.92
N PHE A 150 -5.88 7.97 16.83
CA PHE A 150 -6.04 7.13 18.03
C PHE A 150 -7.22 7.66 18.86
N GLY A 151 -7.41 8.97 18.86
CA GLY A 151 -8.50 9.58 19.59
C GLY A 151 -9.85 9.33 18.96
N PHE A 152 -9.90 9.27 17.62
CA PHE A 152 -11.12 8.86 16.95
C PHE A 152 -11.48 7.47 17.40
N TRP A 153 -10.47 6.60 17.38
CA TRP A 153 -10.64 5.20 17.72
C TRP A 153 -11.10 4.96 19.16
N ARG A 154 -10.82 5.90 20.06
CA ARG A 154 -11.10 5.72 21.48
C ARG A 154 -12.34 6.52 21.93
N LYS A 155 -12.37 7.80 21.54
CA LYS A 155 -13.43 8.71 21.97
C LYS A 155 -14.47 8.98 20.86
N ARG A 156 -14.41 8.21 19.77
CA ARG A 156 -15.45 8.23 18.76
C ARG A 156 -15.62 9.58 18.10
N THR A 157 -14.63 10.45 18.27
CA THR A 157 -14.68 11.76 17.61
C THR A 157 -13.79 11.74 16.35
N LEU A 158 -14.44 11.93 15.21
CA LEU A 158 -13.78 11.78 13.92
C LEU A 158 -13.35 13.13 13.42
N ASN A 159 -12.10 13.26 13.00
CA ASN A 159 -11.70 14.48 12.31
C ASN A 159 -11.63 14.16 10.82
N PRO A 160 -12.51 14.82 10.02
CA PRO A 160 -12.61 14.41 8.61
C PRO A 160 -11.35 14.75 7.80
N GLU A 161 -10.45 15.57 8.37
CA GLU A 161 -9.24 15.98 7.64
C GLU A 161 -7.97 15.24 8.11
N SER A 162 -8.11 14.35 9.07
CA SER A 162 -6.95 13.84 9.77
C SER A 162 -7.42 12.58 10.47
N ASN A 163 -7.19 11.46 9.80
CA ASN A 163 -7.72 10.17 10.18
C ASN A 163 -6.84 9.13 9.49
N VAL A 164 -7.33 7.90 9.44
CA VAL A 164 -6.63 6.82 8.79
C VAL A 164 -6.34 7.08 7.32
N GLN A 165 -7.15 7.90 6.65
CA GLN A 165 -6.97 8.12 5.21
C GLN A 165 -6.04 9.29 4.92
N PHE A 166 -6.17 10.36 5.70
CA PHE A 166 -5.60 11.65 5.33
C PHE A 166 -4.52 12.09 6.32
N GLY A 167 -3.38 12.54 5.78
CA GLY A 167 -2.31 13.10 6.60
C GLY A 167 -0.91 12.64 6.14
N GLU A 168 0.10 12.95 6.93
CA GLU A 168 1.48 12.62 6.57
C GLU A 168 1.64 11.13 6.30
N GLY A 169 2.10 10.80 5.10
CA GLY A 169 2.28 9.42 4.72
C GLY A 169 1.04 8.79 4.11
N GLY A 170 -0.05 9.55 3.99
CA GLY A 170 -1.27 9.04 3.37
C GLY A 170 -1.81 7.82 4.06
N ALA A 171 -2.36 6.92 3.27
CA ALA A 171 -3.04 5.76 3.81
C ALA A 171 -2.08 4.67 4.26
N GLY A 172 -0.81 4.78 3.88
CA GLY A 172 0.15 3.77 4.27
C GLY A 172 0.47 3.80 5.76
N THR A 173 0.28 4.96 6.37
CA THR A 173 0.86 5.23 7.68
C THR A 173 0.43 4.27 8.82
N PHE A 174 -0.88 4.13 9.02
CA PHE A 174 -1.41 3.19 10.00
C PHE A 174 -1.63 1.80 9.40
N SER A 175 -0.56 1.21 8.85
CA SER A 175 -0.63 -0.12 8.23
C SER A 175 0.50 -1.07 8.68
N ASP A 176 0.30 -2.35 8.38
CA ASP A 176 1.31 -3.41 8.44
C ASP A 176 2.52 -3.04 7.56
N GLY A 177 2.30 -2.13 6.61
CA GLY A 177 3.37 -1.71 5.72
C GLY A 177 3.98 -2.81 4.85
N LYS A 178 3.17 -3.79 4.45
CA LYS A 178 3.55 -4.77 3.43
C LYS A 178 3.97 -4.09 2.13
N LEU A 179 5.07 -4.54 1.54
CA LEU A 179 5.43 -4.09 0.20
C LEU A 179 5.21 -5.25 -0.78
N TYR A 180 4.21 -5.13 -1.63
CA TYR A 180 3.77 -6.25 -2.47
C TYR A 180 4.67 -6.50 -3.68
N SER A 181 4.59 -7.70 -4.24
CA SER A 181 5.15 -7.98 -5.56
C SER A 181 4.62 -6.98 -6.59
N GLN A 182 5.42 -6.69 -7.61
CA GLN A 182 4.96 -5.88 -8.74
C GLN A 182 5.23 -6.52 -10.10
N VAL A 183 4.58 -5.96 -11.11
CA VAL A 183 4.83 -6.28 -12.51
C VAL A 183 6.32 -6.05 -12.81
N LYS A 184 6.76 -6.41 -14.02
CA LYS A 184 8.17 -6.22 -14.40
C LYS A 184 8.65 -4.77 -14.21
N ASP A 185 9.94 -4.59 -13.93
CA ASP A 185 10.46 -3.27 -13.55
C ASP A 185 11.95 -3.11 -13.87
N PRO A 186 12.31 -3.12 -15.17
CA PRO A 186 13.71 -3.10 -15.62
C PRO A 186 14.44 -1.85 -15.15
N ASN A 187 13.71 -0.77 -14.93
CA ASN A 187 14.29 0.47 -14.41
C ASN A 187 14.51 0.44 -12.90
N PHE A 188 14.25 -0.71 -12.30
CA PHE A 188 14.34 -0.90 -10.84
C PHE A 188 13.70 0.21 -10.00
N TYR A 189 12.49 0.65 -10.38
CA TYR A 189 11.78 1.63 -9.57
C TYR A 189 11.61 1.07 -8.16
N GLY A 190 11.14 -0.17 -8.07
CA GLY A 190 10.95 -0.81 -6.79
C GLY A 190 12.14 -0.63 -5.87
N ARG A 191 13.32 -0.96 -6.37
CA ARG A 191 14.51 -0.90 -5.57
C ARG A 191 14.85 0.50 -5.10
N LYS A 192 14.61 1.47 -5.97
CA LYS A 192 14.74 2.87 -5.61
C LYS A 192 13.83 3.29 -4.44
N VAL A 193 12.57 2.84 -4.46
CA VAL A 193 11.66 3.13 -3.35
C VAL A 193 12.23 2.52 -2.05
N ILE A 194 12.59 1.25 -2.08
CA ILE A 194 12.99 0.60 -0.83
C ILE A 194 14.30 1.12 -0.24
N THR A 195 15.24 1.47 -1.11
CA THR A 195 16.51 2.06 -0.67
C THR A 195 16.26 3.39 0.05
N GLU A 196 15.37 4.21 -0.47
CA GLU A 196 14.95 5.42 0.23
C GLU A 196 14.31 5.12 1.58
N PHE A 197 13.43 4.12 1.62
CA PHE A 197 12.87 3.65 2.89
C PHE A 197 13.97 3.34 3.91
N VAL A 198 14.88 2.44 3.52
CA VAL A 198 15.99 2.03 4.38
C VAL A 198 16.83 3.22 4.78
N GLU A 199 17.04 4.11 3.80
CA GLU A 199 17.89 5.26 4.02
C GLU A 199 17.29 6.12 5.10
N ALA A 200 15.96 6.09 5.20
CA ALA A 200 15.24 6.88 6.18
C ALA A 200 14.92 6.10 7.46
N GLY A 201 15.61 4.98 7.65
CA GLY A 201 15.50 4.25 8.90
C GLY A 201 14.75 2.92 8.87
N ALA A 202 13.98 2.67 7.81
CA ALA A 202 13.31 1.39 7.65
C ALA A 202 14.31 0.23 7.85
N PRO A 203 13.84 -0.89 8.43
CA PRO A 203 14.72 -2.04 8.65
C PRO A 203 15.37 -2.52 7.35
N GLU A 204 16.69 -2.75 7.39
CA GLU A 204 17.43 -3.20 6.22
C GLU A 204 16.82 -4.44 5.57
N GLU A 205 16.31 -5.34 6.41
CA GLU A 205 15.64 -6.55 5.98
C GLU A 205 14.73 -6.36 4.75
N ILE A 206 14.00 -5.24 4.69
CA ILE A 206 12.99 -5.07 3.63
C ILE A 206 13.61 -5.04 2.25
N LEU A 207 14.92 -4.85 2.18
CA LEU A 207 15.62 -4.81 0.89
C LEU A 207 15.68 -6.17 0.20
N TYR A 208 15.66 -7.25 0.97
CA TYR A 208 15.93 -8.57 0.38
C TYR A 208 14.97 -9.67 0.81
N VAL A 209 14.33 -9.49 1.96
CA VAL A 209 13.40 -10.50 2.45
C VAL A 209 12.25 -10.66 1.46
N SER A 210 11.64 -11.85 1.44
CA SER A 210 10.46 -12.07 0.65
C SER A 210 9.30 -11.57 1.49
N LYS A 211 8.20 -11.16 0.87
CA LYS A 211 7.12 -10.54 1.64
C LYS A 211 7.70 -9.67 2.77
N PRO A 212 8.21 -8.46 2.45
CA PRO A 212 8.68 -7.55 3.50
C PRO A 212 7.53 -6.73 4.12
N HIS A 213 7.72 -6.27 5.36
CA HIS A 213 6.73 -5.43 6.04
C HIS A 213 7.47 -4.49 6.99
N ILE A 214 6.92 -3.31 7.21
CA ILE A 214 7.60 -2.26 7.94
C ILE A 214 6.93 -1.95 9.30
N GLY A 215 5.63 -2.21 9.43
CA GLY A 215 4.92 -1.89 10.67
C GLY A 215 4.64 -0.40 10.88
N THR A 216 3.45 -0.11 11.40
CA THR A 216 2.98 1.27 11.49
C THR A 216 3.94 2.24 12.22
N PHE A 217 4.46 1.84 13.36
CA PHE A 217 5.41 2.68 14.13
C PHE A 217 6.69 3.08 13.36
N LYS A 218 7.33 2.10 12.72
CA LYS A 218 8.46 2.38 11.84
C LYS A 218 8.08 3.30 10.65
N LEU A 219 6.90 3.07 10.09
CA LEU A 219 6.37 3.96 9.05
C LEU A 219 6.34 5.41 9.48
N VAL A 220 6.01 5.61 10.75
CA VAL A 220 5.87 6.94 11.35
C VAL A 220 7.18 7.71 11.43
N THR A 221 8.20 7.10 12.04
CA THR A 221 9.51 7.77 12.11
C THR A 221 10.08 7.99 10.70
N MSE A 222 9.74 7.09 9.79
CA MSE A 222 10.34 7.06 8.46
C MSE A 222 9.93 8.26 7.63
O MSE A 222 10.78 8.98 7.09
CB MSE A 222 9.93 5.78 7.74
CG MSE A 222 10.87 5.32 6.67
SE MSE A 222 9.97 4.06 5.48
CE MSE A 222 8.56 5.24 4.81
N ILE A 223 8.62 8.50 7.57
CA ILE A 223 8.09 9.60 6.78
C ILE A 223 8.60 10.94 7.29
N GLU A 224 8.77 11.07 8.60
CA GLU A 224 9.31 12.30 9.15
C GLU A 224 10.68 12.59 8.57
N LYS A 225 11.56 11.59 8.62
CA LYS A 225 12.90 11.78 8.08
C LYS A 225 12.80 12.16 6.61
N MSE A 226 11.99 11.40 5.88
CA MSE A 226 11.86 11.67 4.45
C MSE A 226 11.33 13.08 4.17
O MSE A 226 11.77 13.72 3.22
CB MSE A 226 11.02 10.60 3.78
CG MSE A 226 11.60 9.23 4.01
SE MSE A 226 10.76 7.82 3.00
CE MSE A 226 11.34 8.37 1.22
N ARG A 227 10.41 13.56 5.01
CA ARG A 227 9.93 14.93 4.92
C ARG A 227 11.07 15.90 5.15
N ALA A 228 11.91 15.58 6.15
CA ALA A 228 13.07 16.43 6.39
C ALA A 228 13.97 16.40 5.17
N THR A 229 14.20 15.20 4.62
CA THR A 229 15.06 15.07 3.43
C THR A 229 14.59 15.92 2.24
N ILE A 230 13.28 15.99 2.00
CA ILE A 230 12.74 16.84 0.93
C ILE A 230 12.87 18.33 1.26
N ILE A 231 12.69 18.66 2.53
CA ILE A 231 12.84 20.05 2.94
C ILE A 231 14.29 20.47 2.74
N GLU A 232 15.19 19.72 3.35
CA GLU A 232 16.63 19.95 3.18
C GLU A 232 17.04 20.12 1.72
N LEU A 233 16.37 19.39 0.82
CA LEU A 233 16.71 19.45 -0.60
C LEU A 233 16.12 20.68 -1.30
N GLY A 234 15.24 21.40 -0.61
CA GLY A 234 14.67 22.61 -1.18
C GLY A 234 13.20 22.48 -1.50
N GLY A 235 12.64 21.30 -1.22
CA GLY A 235 11.21 21.11 -1.34
C GLY A 235 10.51 21.81 -0.19
N GLU A 236 9.24 22.14 -0.41
CA GLU A 236 8.42 22.75 0.61
C GLU A 236 7.23 21.83 0.89
N ILE A 237 6.96 21.54 2.17
CA ILE A 237 5.80 20.71 2.54
C ILE A 237 4.83 21.42 3.49
N ARG A 238 3.65 21.79 2.95
CA ARG A 238 2.61 22.50 3.72
C ARG A 238 1.53 21.53 4.17
N PHE A 239 1.53 21.19 5.46
CA PHE A 239 0.50 20.31 6.00
C PHE A 239 -0.81 21.09 6.28
N SER A 240 -1.87 20.35 6.56
CA SER A 240 -3.19 20.98 6.78
C SER A 240 -3.44 22.01 5.71
N THR A 241 -3.18 21.63 4.47
CA THR A 241 -3.32 22.51 3.34
C THR A 241 -4.00 21.75 2.19
N ARG A 242 -5.27 22.08 1.95
CA ARG A 242 -6.07 21.33 1.00
C ARG A 242 -6.34 22.10 -0.29
N VAL A 243 -6.12 21.43 -1.42
CA VAL A 243 -6.45 21.99 -2.71
C VAL A 243 -7.93 21.74 -2.99
N ASP A 244 -8.66 22.81 -3.32
CA ASP A 244 -10.12 22.76 -3.46
C ASP A 244 -10.63 23.13 -4.84
N ASP A 245 -9.73 23.64 -5.69
CA ASP A 245 -10.09 23.98 -7.07
C ASP A 245 -8.81 24.10 -7.88
N LEU A 246 -8.95 24.03 -9.20
CA LEU A 246 -7.80 24.13 -10.10
C LEU A 246 -7.99 25.35 -10.98
N HIS A 247 -6.88 25.97 -11.38
CA HIS A 247 -6.95 27.09 -12.31
C HIS A 247 -6.81 26.58 -13.73
N MSE A 248 -7.90 26.69 -14.50
CA MSE A 248 -7.95 26.10 -15.83
C MSE A 248 -8.26 27.16 -16.89
O MSE A 248 -8.92 28.16 -16.61
CB MSE A 248 -8.95 24.96 -15.85
CG MSE A 248 -8.54 23.86 -14.89
SE MSE A 248 -9.89 22.50 -14.54
CE MSE A 248 -10.17 21.85 -16.40
N GLU A 249 -7.74 26.95 -18.09
CA GLU A 249 -7.87 27.90 -19.20
C GLU A 249 -7.47 27.19 -20.48
N ASP A 250 -8.46 26.66 -21.22
CA ASP A 250 -8.18 26.10 -22.54
C ASP A 250 -7.42 24.78 -22.52
N GLY A 251 -7.85 23.85 -21.67
CA GLY A 251 -7.17 22.58 -21.56
C GLY A 251 -5.77 22.70 -20.98
N GLN A 252 -5.56 23.75 -20.18
CA GLN A 252 -4.26 23.99 -19.56
C GLN A 252 -4.45 24.44 -18.11
N ILE A 253 -3.84 23.73 -17.18
CA ILE A 253 -3.86 24.11 -15.75
C ILE A 253 -2.74 25.11 -15.45
N THR A 254 -3.05 26.17 -14.71
CA THR A 254 -2.02 27.17 -14.41
C THR A 254 -1.94 27.48 -12.94
N GLY A 255 -2.59 26.67 -12.12
CA GLY A 255 -2.56 26.93 -10.70
C GLY A 255 -3.57 26.13 -9.93
N VAL A 256 -3.79 26.55 -8.69
CA VAL A 256 -4.60 25.78 -7.76
C VAL A 256 -5.05 26.76 -6.69
N THR A 257 -6.21 26.50 -6.10
CA THR A 257 -6.73 27.35 -5.04
C THR A 257 -6.85 26.51 -3.79
N LEU A 258 -6.35 27.05 -2.67
CA LEU A 258 -6.38 26.35 -1.40
C LEU A 258 -7.70 26.59 -0.65
N SER A 259 -8.05 25.68 0.26
CA SER A 259 -9.29 25.77 1.00
C SER A 259 -9.34 27.09 1.78
N ASN A 260 -8.18 27.68 2.03
CA ASN A 260 -8.10 28.95 2.74
C ASN A 260 -8.24 30.15 1.79
N GLY A 261 -8.36 29.86 0.49
CA GLY A 261 -8.51 30.91 -0.50
C GLY A 261 -7.22 31.38 -1.13
N GLU A 262 -6.09 30.91 -0.59
CA GLU A 262 -4.79 31.25 -1.14
C GLU A 262 -4.59 30.61 -2.51
N GLU A 263 -3.87 31.28 -3.40
CA GLU A 263 -3.51 30.66 -4.67
C GLU A 263 -2.05 30.22 -4.74
N ILE A 264 -1.78 29.23 -5.59
CA ILE A 264 -0.40 28.90 -5.99
C ILE A 264 -0.40 28.65 -7.46
N LYS A 265 0.47 29.36 -8.17
CA LYS A 265 0.51 29.23 -9.61
C LYS A 265 1.59 28.26 -10.05
N SER A 266 1.23 27.38 -10.99
CA SER A 266 2.16 26.40 -11.54
C SER A 266 1.55 25.77 -12.79
N ARG A 267 2.40 25.31 -13.69
CA ARG A 267 1.92 24.63 -14.88
C ARG A 267 2.22 23.14 -14.77
N HIS A 268 2.69 22.73 -13.60
CA HIS A 268 2.95 21.32 -13.32
C HIS A 268 2.45 20.91 -11.95
N VAL A 269 1.47 20.03 -11.98
CA VAL A 269 0.66 19.73 -10.82
C VAL A 269 0.37 18.26 -10.81
N VAL A 270 0.87 17.58 -9.79
CA VAL A 270 0.62 16.16 -9.65
C VAL A 270 -0.57 15.98 -8.73
N LEU A 271 -1.51 15.17 -9.18
CA LEU A 271 -2.65 14.83 -8.37
C LEU A 271 -2.42 13.46 -7.80
N ALA A 272 -2.08 13.38 -6.52
CA ALA A 272 -1.82 12.10 -5.86
C ALA A 272 -2.57 12.02 -4.53
N VAL A 273 -3.90 12.10 -4.63
CA VAL A 273 -4.76 12.37 -3.49
C VAL A 273 -5.42 11.14 -2.88
N GLY A 274 -5.04 9.96 -3.37
CA GLY A 274 -5.64 8.72 -2.90
C GLY A 274 -7.08 8.53 -3.33
N HIS A 275 -7.66 7.37 -3.06
CA HIS A 275 -9.00 7.11 -3.58
C HIS A 275 -10.14 7.49 -2.61
N SER A 276 -9.78 8.15 -1.51
CA SER A 276 -10.73 8.67 -0.52
C SER A 276 -10.97 10.18 -0.67
N ALA A 277 -10.30 10.78 -1.63
CA ALA A 277 -10.46 12.20 -1.88
C ALA A 277 -11.78 12.52 -2.62
N ARG A 278 -12.88 11.96 -2.11
CA ARG A 278 -14.23 12.12 -2.70
C ARG A 278 -14.63 13.57 -3.02
N ASP A 279 -14.32 14.50 -2.13
CA ASP A 279 -14.63 15.90 -2.39
C ASP A 279 -13.84 16.40 -3.59
N THR A 280 -12.54 16.17 -3.54
CA THR A 280 -11.69 16.48 -4.67
C THR A 280 -12.22 15.84 -5.96
N PHE A 281 -12.71 14.61 -5.88
CA PHE A 281 -13.23 13.92 -7.05
C PHE A 281 -14.46 14.64 -7.59
N GLU A 282 -15.28 15.17 -6.67
CA GLU A 282 -16.48 15.88 -7.05
C GLU A 282 -16.13 17.17 -7.76
N MSE A 283 -15.16 17.90 -7.22
CA MSE A 283 -14.74 19.18 -7.79
C MSE A 283 -14.18 19.01 -9.20
O MSE A 283 -14.43 19.83 -10.10
CB MSE A 283 -13.71 19.86 -6.89
CG MSE A 283 -13.07 21.14 -7.48
SE MSE A 283 -11.57 20.82 -8.72
CE MSE A 283 -10.31 19.90 -7.52
N LEU A 284 -13.40 17.94 -9.38
CA LEU A 284 -12.80 17.62 -10.66
C LEU A 284 -13.90 17.34 -11.68
N HIS A 285 -14.96 16.70 -11.22
CA HIS A 285 -16.07 16.42 -12.11
C HIS A 285 -16.75 17.73 -12.50
N GLU A 286 -17.08 18.51 -11.48
CA GLU A 286 -17.70 19.81 -11.64
C GLU A 286 -16.91 20.74 -12.59
N ARG A 287 -15.63 20.43 -12.80
CA ARG A 287 -14.76 21.29 -13.61
C ARG A 287 -14.49 20.69 -14.99
N GLY A 288 -14.97 19.47 -15.21
CA GLY A 288 -14.82 18.82 -16.50
C GLY A 288 -13.53 18.07 -16.79
N VAL A 289 -12.72 17.81 -15.77
CA VAL A 289 -11.56 16.94 -15.95
C VAL A 289 -12.06 15.53 -16.21
N TYR A 290 -11.44 14.82 -17.16
CA TYR A 290 -11.99 13.53 -17.58
C TYR A 290 -11.85 12.43 -16.53
N MSE A 291 -12.92 11.63 -16.36
CA MSE A 291 -12.93 10.49 -15.44
C MSE A 291 -13.81 9.32 -15.87
O MSE A 291 -14.91 9.53 -16.37
CB MSE A 291 -13.40 10.93 -14.07
CG MSE A 291 -12.46 11.86 -13.36
SE MSE A 291 -13.17 12.25 -11.60
CE MSE A 291 -14.65 13.41 -12.11
N GLU A 292 -13.33 8.09 -15.66
CA GLU A 292 -14.11 6.87 -15.92
C GLU A 292 -14.36 6.03 -14.68
N ALA A 293 -15.59 5.55 -14.52
CA ALA A 293 -15.89 4.49 -13.56
C ALA A 293 -14.91 3.35 -13.68
N LYS A 294 -14.37 2.94 -12.53
CA LYS A 294 -13.48 1.79 -12.44
C LYS A 294 -14.09 0.79 -11.46
N PRO A 295 -14.03 -0.50 -11.80
CA PRO A 295 -14.57 -1.51 -10.87
C PRO A 295 -13.69 -1.67 -9.63
N PHE A 296 -14.21 -2.36 -8.62
CA PHE A 296 -13.45 -2.54 -7.40
C PHE A 296 -14.14 -3.57 -6.48
N SER A 297 -13.52 -3.79 -5.32
CA SER A 297 -13.94 -4.86 -4.43
C SER A 297 -14.47 -4.36 -3.10
N VAL A 298 -15.32 -5.17 -2.49
CA VAL A 298 -15.85 -4.86 -1.18
C VAL A 298 -16.08 -6.17 -0.44
N GLY A 299 -16.04 -6.11 0.88
CA GLY A 299 -16.33 -7.27 1.69
C GLY A 299 -16.27 -6.98 3.18
N PHE A 300 -15.69 -7.91 3.92
CA PHE A 300 -15.63 -7.83 5.37
C PHE A 300 -14.22 -8.14 5.85
N ARG A 301 -13.82 -7.53 6.97
CA ARG A 301 -12.61 -8.00 7.64
C ARG A 301 -12.97 -9.27 8.40
N ILE A 302 -12.14 -10.29 8.28
CA ILE A 302 -12.36 -11.53 9.00
C ILE A 302 -11.21 -11.73 9.97
N GLU A 303 -11.53 -12.29 11.14
CA GLU A 303 -10.51 -12.57 12.15
C GLU A 303 -10.60 -14.02 12.62
N HIS A 304 -9.42 -14.59 12.82
CA HIS A 304 -9.26 -15.85 13.51
C HIS A 304 -8.16 -15.62 14.51
N LYS A 305 -7.98 -16.55 15.44
CA LYS A 305 -6.82 -16.53 16.30
C LYS A 305 -5.57 -16.70 15.44
N GLN A 306 -4.55 -15.89 15.70
CA GLN A 306 -3.32 -15.96 14.92
C GLN A 306 -2.65 -17.32 15.10
N SER A 307 -2.94 -17.99 16.21
CA SER A 307 -2.32 -19.29 16.49
C SER A 307 -2.88 -20.37 15.56
N MSE A 308 -4.14 -20.25 15.21
CA MSE A 308 -4.76 -21.21 14.29
C MSE A 308 -4.18 -21.12 12.87
O MSE A 308 -4.22 -22.09 12.11
CB MSE A 308 -6.26 -20.98 14.23
CG MSE A 308 -7.00 -21.99 13.38
SE MSE A 308 -8.69 -21.27 12.77
CE MSE A 308 -9.11 -20.11 14.28
N ILE A 309 -3.64 -19.95 12.52
CA ILE A 309 -2.99 -19.75 11.23
C ILE A 309 -1.54 -20.24 11.28
N ASP A 310 -0.84 -19.90 12.37
CA ASP A 310 0.49 -20.44 12.61
C ASP A 310 0.47 -21.97 12.53
N GLU A 311 -0.57 -22.58 13.09
CA GLU A 311 -0.68 -24.04 13.08
C GLU A 311 -0.87 -24.58 11.67
N ALA A 312 -1.75 -23.95 10.91
CA ALA A 312 -2.05 -24.42 9.55
C ALA A 312 -0.93 -24.20 8.52
N ARG A 313 -0.01 -23.28 8.80
CA ARG A 313 1.07 -22.95 7.86
C ARG A 313 2.43 -23.50 8.27
N PHE A 314 2.71 -23.50 9.57
CA PHE A 314 3.97 -24.02 10.05
C PHE A 314 3.74 -25.28 10.87
N GLY A 315 3.35 -25.10 12.13
CA GLY A 315 3.28 -26.20 13.06
C GLY A 315 4.38 -26.02 14.07
N PRO A 316 5.28 -27.02 14.18
CA PRO A 316 6.34 -26.94 15.20
C PRO A 316 7.25 -25.74 14.96
N ASN A 317 7.52 -25.43 13.68
CA ASN A 317 8.41 -24.32 13.33
C ASN A 317 7.72 -22.98 13.53
N ALA A 318 6.50 -23.03 14.07
CA ALA A 318 5.77 -21.84 14.44
C ALA A 318 6.43 -21.20 15.66
N GLY A 319 6.65 -19.90 15.59
CA GLY A 319 7.31 -19.18 16.65
C GLY A 319 8.74 -18.85 16.27
N HIS A 320 9.18 -19.37 15.13
CA HIS A 320 10.53 -19.12 14.64
C HIS A 320 10.70 -17.64 14.29
N PRO A 321 11.80 -17.04 14.78
CA PRO A 321 12.05 -15.60 14.67
C PRO A 321 12.31 -15.15 13.23
N ILE A 322 12.52 -16.11 12.33
CA ILE A 322 12.71 -15.76 10.93
C ILE A 322 11.40 -15.89 10.15
N LEU A 323 10.85 -17.10 10.13
CA LEU A 323 9.61 -17.36 9.40
C LEU A 323 8.53 -16.37 9.79
N GLY A 324 8.61 -15.87 11.02
CA GLY A 324 7.69 -14.86 11.53
C GLY A 324 6.27 -15.35 11.78
N ALA A 325 5.35 -14.41 11.90
CA ALA A 325 3.93 -14.74 11.98
C ALA A 325 3.43 -15.20 10.61
N ALA A 326 2.79 -16.36 10.58
CA ALA A 326 2.28 -16.93 9.35
C ALA A 326 1.29 -16.01 8.64
N ASP A 327 1.16 -16.18 7.33
CA ASP A 327 0.16 -15.45 6.54
C ASP A 327 -0.64 -16.40 5.68
N TYR A 328 -1.46 -15.86 4.80
CA TYR A 328 -2.17 -16.68 3.83
C TYR A 328 -2.68 -15.85 2.67
N LYS A 329 -3.24 -16.51 1.68
CA LYS A 329 -3.67 -15.87 0.46
C LYS A 329 -4.63 -16.82 -0.20
N LEU A 330 -5.87 -16.38 -0.38
CA LEU A 330 -6.92 -17.30 -0.82
C LEU A 330 -7.76 -16.69 -1.90
N VAL A 331 -8.30 -17.54 -2.76
CA VAL A 331 -9.09 -17.10 -3.89
C VAL A 331 -10.12 -18.17 -4.22
N HIS A 332 -11.39 -17.77 -4.36
CA HIS A 332 -12.41 -18.73 -4.74
C HIS A 332 -13.33 -18.22 -5.85
N HIS A 333 -13.52 -19.05 -6.88
CA HIS A 333 -14.47 -18.75 -7.94
C HIS A 333 -15.78 -19.42 -7.60
N CYS A 334 -16.78 -18.60 -7.31
CA CYS A 334 -18.08 -19.05 -6.83
C CYS A 334 -18.98 -19.47 -7.99
N LYS A 335 -19.99 -20.29 -7.71
CA LYS A 335 -20.99 -20.65 -8.71
C LYS A 335 -21.58 -19.36 -9.24
N ASN A 336 -21.76 -18.42 -8.32
CA ASN A 336 -22.21 -17.05 -8.56
C ASN A 336 -21.63 -16.33 -9.78
N GLY A 337 -20.46 -16.77 -10.23
CA GLY A 337 -19.75 -16.06 -11.28
C GLY A 337 -18.79 -15.01 -10.74
N ARG A 338 -18.93 -14.68 -9.47
CA ARG A 338 -18.04 -13.72 -8.81
C ARG A 338 -16.80 -14.39 -8.22
N THR A 339 -15.75 -13.61 -8.06
CA THR A 339 -14.53 -14.09 -7.45
C THR A 339 -14.32 -13.47 -6.07
N VAL A 340 -14.22 -14.32 -5.05
CA VAL A 340 -13.92 -13.89 -3.70
C VAL A 340 -12.44 -14.12 -3.44
N TYR A 341 -11.77 -13.15 -2.81
CA TYR A 341 -10.38 -13.35 -2.45
C TYR A 341 -9.99 -12.60 -1.17
N SER A 342 -8.87 -13.00 -0.58
CA SER A 342 -8.33 -12.32 0.59
C SER A 342 -7.35 -11.23 0.15
N PHE A 343 -7.32 -10.15 0.92
CA PHE A 343 -6.65 -8.92 0.52
C PHE A 343 -6.11 -8.24 1.76
N CYS A 344 -4.94 -7.62 1.64
CA CYS A 344 -4.26 -7.01 2.77
C CYS A 344 -4.36 -7.86 4.04
N MSE A 345 -3.86 -9.08 3.96
CA MSE A 345 -3.85 -9.96 5.12
C MSE A 345 -2.82 -9.40 6.12
O MSE A 345 -1.72 -9.02 5.73
CB MSE A 345 -3.55 -11.39 4.70
CG MSE A 345 -3.75 -12.45 5.78
SE MSE A 345 -2.10 -12.67 6.81
CE MSE A 345 -0.86 -11.79 5.58
N CYS A 346 -3.20 -9.32 7.38
CA CYS A 346 -2.37 -8.72 8.43
C CYS A 346 -2.12 -9.71 9.57
N PRO A 347 -0.93 -10.33 9.61
CA PRO A 347 -0.60 -11.27 10.69
C PRO A 347 -0.60 -10.56 12.05
N GLY A 348 -1.08 -11.25 13.08
CA GLY A 348 -1.13 -10.70 14.43
C GLY A 348 -1.35 -9.20 14.47
N GLY A 349 -2.47 -8.76 13.89
CA GLY A 349 -2.74 -7.34 13.75
C GLY A 349 -4.10 -6.88 14.26
N THR A 350 -4.60 -5.82 13.65
CA THR A 350 -5.76 -5.11 14.16
C THR A 350 -6.67 -4.63 13.04
N VAL A 351 -7.92 -5.09 13.02
CA VAL A 351 -8.92 -4.43 12.20
C VAL A 351 -9.02 -2.99 12.68
N VAL A 352 -8.91 -2.02 11.77
CA VAL A 352 -8.91 -0.60 12.11
C VAL A 352 -10.12 0.15 11.56
N ALA A 353 -10.51 1.23 12.27
CA ALA A 353 -11.59 2.11 11.85
C ALA A 353 -11.08 3.17 10.88
N ALA A 354 -11.34 2.95 9.58
CA ALA A 354 -10.73 3.78 8.53
C ALA A 354 -11.60 4.85 7.89
N THR A 355 -12.78 5.12 8.44
CA THR A 355 -13.60 6.17 7.85
C THR A 355 -12.89 7.52 7.78
N SER A 356 -13.11 8.26 6.70
CA SER A 356 -12.69 9.64 6.60
C SER A 356 -13.94 10.53 6.56
N GLU A 357 -15.11 9.93 6.74
CA GLU A 357 -16.36 10.68 6.57
C GLU A 357 -17.35 10.56 7.71
N GLU A 358 -17.95 11.69 8.07
CA GLU A 358 -18.98 11.73 9.10
C GLU A 358 -20.14 10.80 8.73
N GLY A 359 -20.48 9.91 9.66
CA GLY A 359 -21.65 9.08 9.51
C GLY A 359 -21.40 7.86 8.66
N ARG A 360 -20.14 7.44 8.60
CA ARG A 360 -19.76 6.31 7.77
C ARG A 360 -18.75 5.43 8.47
N VAL A 361 -18.93 4.12 8.33
CA VAL A 361 -17.99 3.16 8.88
C VAL A 361 -17.22 2.44 7.78
N VAL A 362 -15.90 2.37 7.97
CA VAL A 362 -15.00 1.76 6.99
C VAL A 362 -13.99 0.88 7.69
N THR A 363 -13.83 -0.32 7.19
CA THR A 363 -12.82 -1.22 7.74
C THR A 363 -11.52 -1.25 6.91
N ASN A 364 -10.41 -1.52 7.58
CA ASN A 364 -9.16 -1.89 6.94
C ASN A 364 -8.33 -2.68 7.97
N GLY A 365 -7.06 -2.92 7.66
CA GLY A 365 -6.18 -3.73 8.47
C GLY A 365 -4.79 -3.13 8.69
N MSE A 366 -4.20 -3.51 9.82
CA MSE A 366 -2.94 -2.93 10.28
C MSE A 366 -2.15 -3.96 11.08
O MSE A 366 -2.74 -4.84 11.71
CB MSE A 366 -3.27 -1.72 11.19
CG MSE A 366 -2.05 -1.08 11.81
SE MSE A 366 -2.51 0.37 13.05
CE MSE A 366 -2.60 -0.67 14.73
N SER A 367 -0.83 -3.91 11.04
CA SER A 367 -0.06 -4.64 12.06
C SER A 367 1.12 -3.82 12.52
N GLN A 368 1.63 -4.19 13.69
CA GLN A 368 2.94 -3.71 14.12
C GLN A 368 4.02 -4.59 13.50
N TYR A 369 5.25 -4.09 13.47
CA TYR A 369 6.38 -4.88 12.95
C TYR A 369 6.46 -6.25 13.62
N SER A 370 6.42 -6.24 14.96
CA SER A 370 6.43 -7.46 15.76
C SER A 370 5.28 -8.43 15.46
N ARG A 371 4.23 -7.93 14.79
CA ARG A 371 3.09 -8.75 14.43
C ARG A 371 2.66 -9.70 15.56
N ALA A 372 2.38 -9.13 16.73
CA ALA A 372 2.16 -9.95 17.93
C ALA A 372 0.78 -9.84 18.59
N GLU A 373 -0.21 -9.24 17.93
CA GLU A 373 -1.56 -9.22 18.48
C GLU A 373 -2.17 -10.62 18.45
N ARG A 374 -3.36 -10.76 19.04
CA ARG A 374 -3.97 -12.07 19.22
C ARG A 374 -4.57 -12.67 17.95
N ASN A 375 -4.98 -11.83 17.02
CA ASN A 375 -5.70 -12.30 15.84
C ASN A 375 -4.95 -12.13 14.53
N ALA A 376 -5.22 -13.03 13.58
CA ALA A 376 -4.94 -12.79 12.17
C ALA A 376 -6.17 -12.23 11.46
N ASN A 377 -6.01 -11.14 10.72
CA ASN A 377 -7.10 -10.61 9.92
C ASN A 377 -6.78 -10.49 8.42
N SER A 378 -7.82 -10.22 7.64
CA SER A 378 -7.67 -9.95 6.21
C SER A 378 -9.06 -9.57 5.69
N ALA A 379 -9.11 -8.67 4.73
CA ALA A 379 -10.35 -8.40 4.02
C ALA A 379 -10.68 -9.57 3.08
N ILE A 380 -11.83 -10.18 3.29
CA ILE A 380 -12.39 -11.14 2.34
C ILE A 380 -13.36 -10.40 1.40
N VAL A 381 -12.92 -10.14 0.17
CA VAL A 381 -13.64 -9.22 -0.71
C VAL A 381 -14.05 -9.84 -2.05
N VAL A 382 -14.98 -9.18 -2.73
CA VAL A 382 -15.50 -9.68 -3.99
C VAL A 382 -15.68 -8.50 -4.92
N GLY A 383 -15.30 -8.68 -6.19
CA GLY A 383 -15.39 -7.61 -7.17
C GLY A 383 -16.80 -7.16 -7.46
N ILE A 384 -17.01 -5.85 -7.53
CA ILE A 384 -18.24 -5.28 -8.07
C ILE A 384 -17.92 -4.28 -9.18
N SER A 385 -18.85 -4.10 -10.11
CA SER A 385 -18.54 -3.34 -11.31
C SER A 385 -19.59 -2.34 -11.75
N PRO A 386 -19.14 -1.25 -12.38
CA PRO A 386 -19.96 -0.17 -12.92
C PRO A 386 -20.82 -0.73 -14.03
N GLU A 387 -22.11 -0.40 -14.03
CA GLU A 387 -23.02 -0.95 -15.03
C GLU A 387 -23.39 -2.42 -14.80
N VAL A 388 -23.00 -2.98 -13.67
CA VAL A 388 -23.50 -4.30 -13.29
C VAL A 388 -24.09 -4.21 -11.92
N ASP A 389 -23.45 -3.40 -11.09
CA ASP A 389 -23.79 -3.32 -9.67
C ASP A 389 -24.21 -1.93 -9.24
N TYR A 390 -24.03 -0.97 -10.14
CA TYR A 390 -24.46 0.42 -9.93
C TYR A 390 -24.38 1.17 -11.26
N PRO A 391 -24.87 2.43 -11.32
CA PRO A 391 -24.76 3.19 -12.57
C PRO A 391 -23.35 3.20 -13.15
N GLY A 392 -23.23 3.67 -14.39
CA GLY A 392 -21.93 3.75 -15.04
C GLY A 392 -21.40 5.16 -15.18
N ASP A 393 -22.08 6.14 -14.56
CA ASP A 393 -21.55 7.51 -14.54
C ASP A 393 -20.30 7.56 -13.63
N PRO A 394 -19.28 8.34 -14.02
CA PRO A 394 -17.93 8.26 -13.42
C PRO A 394 -17.89 8.28 -11.87
N LEU A 395 -18.80 9.03 -11.24
CA LEU A 395 -18.81 9.14 -9.78
C LEU A 395 -19.73 8.12 -9.11
N ALA A 396 -20.26 7.18 -9.89
CA ALA A 396 -21.23 6.25 -9.35
C ALA A 396 -20.64 5.23 -8.36
N GLY A 397 -19.39 4.81 -8.58
CA GLY A 397 -18.73 3.92 -7.62
C GLY A 397 -18.64 4.57 -6.23
N ILE A 398 -18.32 5.86 -6.19
CA ILE A 398 -18.26 6.63 -4.98
C ILE A 398 -19.61 6.69 -4.29
N ARG A 399 -20.67 6.95 -5.06
CA ARG A 399 -21.98 7.07 -4.43
C ARG A 399 -22.31 5.73 -3.80
N PHE A 400 -21.95 4.66 -4.51
CA PHE A 400 -22.24 3.32 -4.03
C PHE A 400 -21.45 2.99 -2.75
N GLN A 401 -20.19 3.41 -2.70
CA GLN A 401 -19.40 3.27 -1.48
C GLN A 401 -20.08 4.01 -0.30
N ARG A 402 -20.23 5.32 -0.42
CA ARG A 402 -20.93 6.12 0.60
C ARG A 402 -22.23 5.47 1.09
N GLU A 403 -23.02 4.97 0.16
CA GLU A 403 -24.17 4.15 0.51
C GLU A 403 -23.78 2.99 1.43
N LEU A 404 -22.77 2.21 1.03
CA LEU A 404 -22.34 1.06 1.83
C LEU A 404 -21.83 1.49 3.22
N GLU A 405 -21.15 2.64 3.25
CA GLU A 405 -20.56 3.14 4.47
C GLU A 405 -21.63 3.72 5.43
N SER A 406 -22.57 4.49 4.88
CA SER A 406 -23.66 5.06 5.69
C SER A 406 -24.42 3.95 6.38
N ASN A 407 -24.81 2.95 5.61
CA ASN A 407 -25.54 1.80 6.13
C ASN A 407 -24.85 1.10 7.28
N ALA A 408 -23.55 0.86 7.15
CA ALA A 408 -22.82 0.15 8.19
C ALA A 408 -22.76 0.96 9.49
N TYR A 409 -22.57 2.27 9.35
CA TYR A 409 -22.64 3.17 10.50
C TYR A 409 -23.96 2.91 11.21
N LYS A 410 -25.05 3.01 10.43
CA LYS A 410 -26.40 2.76 10.92
C LYS A 410 -26.53 1.44 11.66
N LEU A 411 -26.22 0.33 10.99
CA LEU A 411 -26.28 -0.99 11.62
C LEU A 411 -25.38 -1.10 12.83
N GLY A 412 -24.39 -0.20 12.91
CA GLY A 412 -23.38 -0.29 13.96
C GLY A 412 -23.84 0.50 15.17
N GLY A 413 -24.96 1.21 15.00
CA GLY A 413 -25.58 1.94 16.08
C GLY A 413 -25.29 3.43 16.06
N GLU A 414 -25.06 3.97 14.87
CA GLU A 414 -24.71 5.38 14.75
C GLU A 414 -23.62 5.77 15.77
N ASN A 415 -22.79 4.78 16.09
CA ASN A 415 -21.81 4.90 17.15
C ASN A 415 -20.38 5.08 16.67
N TYR A 416 -20.15 4.67 15.43
CA TYR A 416 -18.82 4.43 14.87
C TYR A 416 -18.29 3.07 15.31
N ASP A 417 -19.07 2.39 16.14
CA ASP A 417 -18.95 0.94 16.24
C ASP A 417 -19.21 0.35 14.87
N ALA A 418 -18.82 -0.89 14.70
CA ALA A 418 -18.94 -1.53 13.40
C ALA A 418 -19.83 -2.74 13.47
N PRO A 419 -20.67 -2.90 12.45
CA PRO A 419 -21.44 -4.15 12.31
C PRO A 419 -20.47 -5.31 12.27
N ALA A 420 -20.82 -6.36 13.01
CA ALA A 420 -19.98 -7.54 13.11
C ALA A 420 -20.89 -8.74 13.36
N GLN A 421 -20.43 -9.91 12.97
CA GLN A 421 -21.20 -11.14 13.13
C GLN A 421 -20.19 -12.27 13.19
N LYS A 422 -20.48 -13.32 13.95
CA LYS A 422 -19.62 -14.50 13.96
C LYS A 422 -19.74 -15.24 12.64
N ILE A 423 -18.65 -15.91 12.22
CA ILE A 423 -18.66 -16.67 10.97
C ILE A 423 -19.86 -17.60 10.97
N GLY A 424 -19.95 -18.39 12.03
CA GLY A 424 -20.97 -19.41 12.19
C GLY A 424 -22.36 -19.00 11.78
N ASP A 425 -22.89 -17.95 12.38
CA ASP A 425 -24.26 -17.57 12.05
C ASP A 425 -24.45 -16.67 10.82
N PHE A 426 -23.41 -15.96 10.38
CA PHE A 426 -23.51 -15.21 9.12
C PHE A 426 -23.77 -16.19 8.00
N LEU A 427 -22.97 -17.26 7.97
CA LEU A 427 -23.17 -18.36 7.03
C LEU A 427 -24.61 -18.89 7.11
N LYS A 428 -25.06 -19.15 8.33
CA LYS A 428 -26.31 -19.86 8.56
C LYS A 428 -27.54 -18.94 8.57
N GLY A 429 -27.34 -17.69 8.97
CA GLY A 429 -28.42 -16.74 9.05
C GLY A 429 -28.96 -16.53 10.46
N ARG A 430 -28.32 -17.19 11.43
CA ARG A 430 -28.70 -17.08 12.84
C ARG A 430 -28.28 -15.71 13.40
N ASP A 431 -28.77 -14.64 12.79
CA ASP A 431 -28.31 -13.27 13.02
C ASP A 431 -27.95 -12.83 14.46
N PRO A 432 -28.63 -13.37 15.48
CA PRO A 432 -28.43 -12.79 16.82
C PRO A 432 -27.18 -13.16 17.66
N SER A 433 -26.64 -14.38 17.54
CA SER A 433 -25.71 -14.90 18.55
C SER A 433 -24.59 -13.95 19.03
N GLN A 434 -24.07 -14.22 20.22
CA GLN A 434 -23.02 -13.38 20.81
C GLN A 434 -21.64 -14.05 20.87
N LEU A 435 -20.62 -13.26 21.20
CA LEU A 435 -19.20 -13.63 21.04
C LEU A 435 -18.77 -15.00 21.55
N GLY A 436 -17.76 -15.56 20.88
CA GLY A 436 -17.00 -16.71 21.36
C GLY A 436 -15.64 -16.20 21.73
N ASP A 437 -14.60 -17.04 21.67
CA ASP A 437 -13.26 -16.62 22.10
C ASP A 437 -12.57 -15.55 21.23
N VAL A 438 -12.80 -15.55 19.92
CA VAL A 438 -12.22 -14.52 19.07
C VAL A 438 -12.82 -13.15 19.36
N GLU A 439 -12.02 -12.25 19.93
CA GLU A 439 -12.54 -10.93 20.30
C GLU A 439 -12.21 -9.86 19.26
N PRO A 440 -13.06 -8.84 19.17
CA PRO A 440 -12.94 -7.79 18.15
C PRO A 440 -11.78 -6.84 18.44
N SER A 441 -10.91 -6.64 17.45
CA SER A 441 -9.85 -5.65 17.56
C SER A 441 -10.35 -4.30 17.06
N PHE A 442 -11.42 -4.32 16.27
CA PHE A 442 -11.97 -3.05 15.80
C PHE A 442 -12.31 -2.16 16.99
N THR A 443 -12.07 -0.87 16.81
CA THR A 443 -12.15 0.08 17.89
C THR A 443 -12.59 1.40 17.24
N PRO A 444 -13.55 2.13 17.84
CA PRO A 444 -14.24 2.10 19.14
C PRO A 444 -14.78 0.74 19.59
N GLY A 445 -15.57 0.09 18.76
CA GLY A 445 -16.08 -1.22 19.12
C GLY A 445 -17.00 -1.75 18.05
N ILE A 446 -17.63 -2.89 18.31
CA ILE A 446 -18.56 -3.49 17.38
C ILE A 446 -19.92 -3.83 17.99
N LYS A 447 -20.93 -3.87 17.12
CA LYS A 447 -22.27 -4.28 17.48
C LYS A 447 -22.64 -5.53 16.67
N LEU A 448 -22.79 -6.67 17.34
CA LEU A 448 -23.27 -7.86 16.66
C LEU A 448 -24.56 -7.55 15.91
N THR A 449 -24.67 -8.04 14.68
CA THR A 449 -25.86 -7.81 13.86
C THR A 449 -25.87 -8.78 12.68
N ASP A 450 -26.78 -8.56 11.74
CA ASP A 450 -26.88 -9.42 10.57
C ASP A 450 -26.14 -8.80 9.40
N LEU A 451 -24.95 -9.30 9.11
CA LEU A 451 -24.14 -8.77 8.02
C LEU A 451 -24.80 -8.95 6.64
N SER A 452 -25.74 -9.89 6.53
CA SER A 452 -26.51 -10.05 5.29
C SER A 452 -27.00 -8.72 4.77
N LYS A 453 -27.27 -7.78 5.67
CA LYS A 453 -27.81 -6.49 5.29
C LYS A 453 -26.71 -5.52 4.83
N ALA A 454 -25.46 -5.92 5.04
CA ALA A 454 -24.33 -5.01 4.90
C ALA A 454 -23.77 -4.90 3.47
N LEU A 455 -23.85 -5.99 2.71
CA LEU A 455 -23.39 -5.98 1.32
C LEU A 455 -24.51 -6.37 0.34
N PRO A 456 -24.31 -6.11 -0.97
CA PRO A 456 -25.30 -6.55 -1.97
C PRO A 456 -25.50 -8.04 -2.00
N PRO A 457 -26.74 -8.48 -2.27
CA PRO A 457 -27.11 -9.90 -2.23
C PRO A 457 -26.09 -10.79 -2.92
N PHE A 458 -25.52 -10.37 -4.04
CA PHE A 458 -24.54 -11.22 -4.74
C PHE A 458 -23.17 -11.30 -4.09
N ALA A 459 -22.80 -10.29 -3.29
CA ALA A 459 -21.52 -10.32 -2.59
C ALA A 459 -21.60 -11.26 -1.39
N VAL A 460 -22.72 -11.15 -0.66
CA VAL A 460 -22.95 -11.95 0.55
C VAL A 460 -23.03 -13.42 0.20
N GLU A 461 -23.77 -13.71 -0.86
CA GLU A 461 -23.86 -15.06 -1.38
C GLU A 461 -22.48 -15.62 -1.73
N ALA A 462 -21.66 -14.82 -2.43
CA ALA A 462 -20.29 -15.24 -2.78
C ALA A 462 -19.38 -15.45 -1.57
N ILE A 463 -19.43 -14.53 -0.60
CA ILE A 463 -18.67 -14.73 0.63
C ILE A 463 -19.17 -15.99 1.33
N ARG A 464 -20.50 -16.13 1.42
CA ARG A 464 -21.10 -17.32 2.01
C ARG A 464 -20.57 -18.61 1.38
N GLU A 465 -20.46 -18.66 0.06
CA GLU A 465 -19.89 -19.84 -0.58
C GLU A 465 -18.38 -19.97 -0.36
N ALA A 466 -17.69 -18.84 -0.35
CA ALA A 466 -16.23 -18.81 -0.35
C ALA A 466 -15.60 -19.30 0.94
N ILE A 467 -16.20 -18.95 2.08
CA ILE A 467 -15.56 -19.23 3.37
C ILE A 467 -15.38 -20.71 3.71
N PRO A 468 -16.40 -21.54 3.46
CA PRO A 468 -16.14 -22.95 3.72
C PRO A 468 -15.11 -23.50 2.73
N ALA A 469 -15.24 -23.12 1.45
CA ALA A 469 -14.23 -23.50 0.47
C ALA A 469 -12.83 -23.09 0.95
N PHE A 470 -12.76 -22.02 1.74
CA PHE A 470 -11.49 -21.60 2.33
C PHE A 470 -11.10 -22.53 3.47
N ASP A 471 -12.09 -23.01 4.21
CA ASP A 471 -11.81 -23.92 5.31
C ASP A 471 -11.02 -25.13 4.82
N ARG A 472 -11.28 -25.54 3.58
CA ARG A 472 -10.61 -26.68 2.96
C ARG A 472 -9.14 -26.42 2.66
N LYS A 473 -8.80 -25.14 2.51
CA LYS A 473 -7.45 -24.74 2.19
C LYS A 473 -6.65 -24.50 3.46
N ILE A 474 -7.32 -23.98 4.48
CA ILE A 474 -6.71 -23.79 5.78
C ILE A 474 -7.74 -24.15 6.85
N LYS A 475 -7.46 -25.20 7.62
CA LYS A 475 -8.46 -25.70 8.57
C LYS A 475 -8.79 -24.68 9.64
N GLY A 476 -10.07 -24.52 9.90
CA GLY A 476 -10.56 -23.59 10.90
C GLY A 476 -11.06 -22.29 10.33
N PHE A 477 -10.82 -22.08 9.03
CA PHE A 477 -11.13 -20.79 8.43
C PHE A 477 -12.64 -20.52 8.48
N ALA A 478 -13.43 -21.60 8.48
CA ALA A 478 -14.87 -21.47 8.59
C ALA A 478 -15.37 -21.77 10.00
N SER A 479 -14.48 -21.66 10.97
CA SER A 479 -14.87 -21.91 12.36
C SER A 479 -15.97 -20.94 12.84
N GLU A 480 -16.96 -21.51 13.52
CA GLU A 480 -18.14 -20.78 14.02
C GLU A 480 -17.83 -19.49 14.79
N ASP A 481 -16.74 -19.49 15.55
CA ASP A 481 -16.41 -18.37 16.42
C ASP A 481 -15.63 -17.23 15.73
N GLY A 482 -15.11 -17.49 14.54
CA GLY A 482 -14.34 -16.49 13.83
C GLY A 482 -15.18 -15.24 13.68
N LEU A 483 -14.54 -14.08 13.60
CA LEU A 483 -15.25 -12.80 13.57
C LEU A 483 -15.25 -12.10 12.20
N LEU A 484 -16.43 -11.68 11.77
CA LEU A 484 -16.56 -10.85 10.59
C LEU A 484 -16.88 -9.43 11.00
N THR A 485 -16.06 -8.49 10.59
CA THR A 485 -16.30 -7.09 10.94
C THR A 485 -16.56 -6.14 9.76
N GLY A 486 -17.50 -5.23 10.02
CA GLY A 486 -17.61 -3.93 9.37
C GLY A 486 -17.84 -4.05 7.90
N VAL A 487 -17.61 -2.97 7.16
CA VAL A 487 -17.50 -3.08 5.71
C VAL A 487 -16.19 -2.52 5.18
N GLU A 488 -15.51 -3.34 4.40
CA GLU A 488 -14.32 -2.90 3.70
C GLU A 488 -14.81 -2.43 2.33
N THR A 489 -14.68 -1.14 2.08
CA THR A 489 -15.26 -0.54 0.90
C THR A 489 -14.20 0.13 0.02
N ARG A 490 -13.00 0.33 0.54
CA ARG A 490 -12.03 1.14 -0.21
C ARG A 490 -10.74 0.34 -0.52
N THR A 491 -10.84 -0.65 -1.39
CA THR A 491 -9.71 -1.54 -1.72
C THR A 491 -8.87 -1.01 -2.91
N SER A 492 -9.53 -0.36 -3.85
CA SER A 492 -8.90 0.36 -4.96
C SER A 492 -9.84 1.49 -5.41
N SER A 493 -9.35 2.38 -6.27
CA SER A 493 -10.14 3.52 -6.68
C SER A 493 -11.36 3.14 -7.52
N PRO A 494 -12.50 3.79 -7.23
CA PRO A 494 -13.76 3.69 -7.99
C PRO A 494 -13.74 4.59 -9.21
N VAL A 495 -12.64 5.31 -9.42
CA VAL A 495 -12.46 6.11 -10.63
C VAL A 495 -11.10 5.89 -11.28
N CYS A 496 -11.07 6.13 -12.58
CA CYS A 496 -9.85 6.32 -13.29
C CYS A 496 -9.84 7.75 -13.82
N ILE A 497 -8.92 8.55 -13.29
CA ILE A 497 -8.61 9.86 -13.84
C ILE A 497 -7.54 9.62 -14.91
N LYS A 498 -8.01 9.20 -16.09
CA LYS A 498 -7.17 8.71 -17.16
C LYS A 498 -6.20 9.77 -17.66
N ARG A 499 -5.00 9.31 -18.03
CA ARG A 499 -3.85 10.18 -18.30
C ARG A 499 -3.11 9.86 -19.61
N GLY A 500 -2.89 8.58 -19.87
CA GLY A 500 -2.14 8.21 -21.06
C GLY A 500 -0.62 8.41 -20.98
N LYS A 501 0.09 7.92 -22.01
CA LYS A 501 1.56 7.80 -22.03
C LYS A 501 2.32 9.04 -21.58
N ASP A 502 1.61 10.16 -21.58
CA ASP A 502 2.12 11.47 -21.20
C ASP A 502 2.16 11.67 -19.68
N PHE A 503 1.39 10.88 -18.95
CA PHE A 503 1.15 11.07 -17.51
C PHE A 503 0.33 12.32 -17.25
N GLN A 504 -0.23 12.90 -18.32
CA GLN A 504 -1.05 14.09 -18.16
C GLN A 504 -2.51 13.73 -18.32
N SER A 505 -3.39 14.38 -17.56
CA SER A 505 -4.83 14.21 -17.77
C SER A 505 -5.18 14.30 -19.25
N VAL A 506 -5.95 13.34 -19.76
CA VAL A 506 -6.25 13.31 -21.19
C VAL A 506 -6.94 14.59 -21.71
N ASN A 507 -7.65 15.30 -20.83
CA ASN A 507 -8.23 16.57 -21.25
C ASN A 507 -7.75 17.79 -20.47
N LEU A 508 -6.55 17.70 -19.92
CA LEU A 508 -5.93 18.85 -19.25
C LEU A 508 -4.42 18.77 -19.15
N LYS A 509 -3.72 19.65 -19.86
CA LYS A 509 -2.27 19.66 -19.86
C LYS A 509 -1.71 20.31 -18.59
N GLY A 510 -0.56 19.82 -18.15
CA GLY A 510 0.06 20.31 -16.92
C GLY A 510 -0.40 19.57 -15.68
N PHE A 511 -1.45 18.75 -15.84
CA PHE A 511 -2.10 18.09 -14.71
C PHE A 511 -1.83 16.59 -14.71
N TYR A 512 -1.25 16.09 -13.62
CA TYR A 512 -0.72 14.72 -13.61
C TYR A 512 -1.40 13.78 -12.62
N PRO A 513 -2.40 13.02 -13.09
CA PRO A 513 -3.10 12.02 -12.27
C PRO A 513 -2.19 10.87 -11.88
N ALA A 514 -2.07 10.61 -10.58
CA ALA A 514 -1.07 9.64 -10.09
C ALA A 514 -1.51 8.86 -8.85
N GLY A 515 -0.85 7.76 -8.58
CA GLY A 515 -1.17 6.93 -7.44
C GLY A 515 -2.46 6.13 -7.49
N GLU A 516 -2.85 5.63 -6.31
CA GLU A 516 -4.07 4.86 -6.18
C GLU A 516 -5.29 5.74 -6.55
N GLY A 517 -5.26 7.01 -6.18
CA GLY A 517 -6.41 7.87 -6.44
C GLY A 517 -6.82 7.90 -7.90
N ALA A 518 -5.83 7.82 -8.78
CA ALA A 518 -6.04 8.02 -10.21
C ALA A 518 -6.42 6.72 -10.90
N GLY A 519 -6.20 5.60 -10.21
CA GLY A 519 -6.43 4.27 -10.77
C GLY A 519 -5.16 3.63 -11.30
N TYR A 520 -4.01 4.21 -10.94
CA TYR A 520 -2.72 3.81 -11.48
C TYR A 520 -1.78 3.14 -10.47
N ALA A 521 -2.27 2.81 -9.28
CA ALA A 521 -1.49 2.04 -8.32
C ALA A 521 -2.39 1.33 -7.33
N GLY A 522 -1.83 0.36 -6.62
CA GLY A 522 -2.61 -0.55 -5.79
C GLY A 522 -2.00 -0.93 -4.44
N GLY A 523 -1.11 -0.09 -3.93
CA GLY A 523 -0.40 -0.40 -2.69
C GLY A 523 0.64 0.66 -2.43
N ILE A 524 1.41 0.47 -1.35
CA ILE A 524 2.49 1.39 -1.03
C ILE A 524 3.61 1.41 -2.08
N LEU A 525 4.15 0.24 -2.41
CA LEU A 525 5.31 0.18 -3.31
C LEU A 525 4.93 0.70 -4.71
N SER A 526 3.84 0.18 -5.27
CA SER A 526 3.39 0.60 -6.61
C SER A 526 3.04 2.09 -6.69
N ALA A 527 2.40 2.61 -5.63
CA ALA A 527 2.07 4.03 -5.56
C ALA A 527 3.34 4.88 -5.53
N GLY A 528 4.30 4.46 -4.71
CA GLY A 528 5.64 5.04 -4.72
C GLY A 528 6.28 4.93 -6.10
N ILE A 529 6.23 3.75 -6.70
CA ILE A 529 6.78 3.60 -8.05
C ILE A 529 6.12 4.58 -9.02
N ASP A 530 4.79 4.73 -8.94
CA ASP A 530 4.10 5.67 -9.80
C ASP A 530 4.58 7.10 -9.53
N GLY A 531 4.81 7.42 -8.26
CA GLY A 531 5.31 8.75 -7.92
C GLY A 531 6.59 9.08 -8.67
N ILE A 532 7.51 8.10 -8.71
CA ILE A 532 8.80 8.26 -9.38
C ILE A 532 8.58 8.54 -10.87
N LYS A 533 7.82 7.65 -11.53
CA LYS A 533 7.55 7.78 -12.95
C LYS A 533 6.94 9.13 -13.27
N VAL A 534 6.02 9.57 -12.41
CA VAL A 534 5.40 10.86 -12.63
C VAL A 534 6.40 12.00 -12.47
N ALA A 535 7.24 11.91 -11.44
CA ALA A 535 8.26 12.93 -11.21
C ALA A 535 9.18 13.03 -12.42
N GLU A 536 9.57 11.88 -12.96
CA GLU A 536 10.41 11.82 -14.16
C GLU A 536 9.78 12.49 -15.37
N ALA A 537 8.46 12.44 -15.47
CA ALA A 537 7.77 12.95 -16.67
C ALA A 537 7.45 14.44 -16.53
N VAL A 538 7.18 14.87 -15.31
CA VAL A 538 7.12 16.29 -15.00
C VAL A 538 8.49 16.91 -15.26
N ALA A 539 9.56 16.24 -14.87
CA ALA A 539 10.91 16.73 -15.11
C ALA A 539 11.19 16.89 -16.60
N ARG A 540 11.12 15.78 -17.33
CA ARG A 540 11.33 15.81 -18.77
C ARG A 540 10.54 16.92 -19.46
N ASP A 541 9.26 17.05 -19.11
CA ASP A 541 8.42 18.06 -19.73
C ASP A 541 8.93 19.47 -19.45
N ILE A 542 9.27 19.74 -18.20
CA ILE A 542 9.81 21.03 -17.82
C ILE A 542 11.12 21.27 -18.57
N VAL A 543 12.00 20.27 -18.56
CA VAL A 543 13.25 20.37 -19.32
C VAL A 543 13.01 20.72 -20.82
N ALA A 544 12.08 20.02 -21.46
CA ALA A 544 11.73 20.31 -22.85
C ALA A 544 11.15 21.71 -23.02
N ALA A 545 10.49 22.20 -21.98
CA ALA A 545 9.90 23.51 -22.00
C ALA A 545 10.97 24.58 -21.83
N MSE A 546 11.96 24.29 -20.99
CA MSE A 546 12.94 25.30 -20.60
C MSE A 546 14.06 25.34 -21.59
O MSE A 546 14.89 26.25 -21.58
CB MSE A 546 13.49 24.98 -19.21
CG MSE A 546 12.47 25.14 -18.11
SE MSE A 546 11.63 26.88 -18.23
CE MSE A 546 12.81 27.90 -17.07
N GLU A 547 14.08 24.32 -22.44
CA GLU A 547 15.16 24.07 -23.38
C GLU A 547 15.67 25.34 -24.05
N ASN A 548 14.75 26.15 -24.55
CA ASN A 548 15.10 27.40 -25.19
C ASN A 548 14.56 28.60 -24.41
PA FAD B . -2.69 8.02 -0.52
O1A FAD B . -4.15 7.80 -0.16
O2A FAD B . -1.89 7.06 0.31
O5B FAD B . -2.22 9.53 -0.28
C5B FAD B . -3.06 10.62 -0.54
C4B FAD B . -2.90 11.90 0.28
O4B FAD B . -3.43 13.01 -0.37
C3B FAD B . -3.62 11.77 1.53
O3B FAD B . -2.75 12.01 2.61
C2B FAD B . -4.67 12.74 1.48
O2B FAD B . -4.93 13.28 2.78
C1B FAD B . -4.15 13.75 0.58
N9A FAD B . -5.16 14.56 -0.12
C8A FAD B . -6.32 14.12 -0.64
N7A FAD B . -6.94 15.17 -1.23
C5A FAD B . -6.16 16.25 -1.08
C6A FAD B . -6.28 17.60 -1.47
N6A FAD B . -7.40 18.01 -2.16
N1A FAD B . -5.32 18.47 -1.15
C2A FAD B . -4.23 18.05 -0.46
N3A FAD B . -4.08 16.78 -0.09
C4A FAD B . -5.03 15.88 -0.38
N1 FAD B . -0.70 -0.92 1.10
C2 FAD B . 0.26 -1.84 1.02
O2 FAD B . 1.01 -1.82 -0.11
N3 FAD B . 0.56 -2.68 2.01
C4 FAD B . -0.14 -2.60 3.18
O4 FAD B . 0.17 -3.51 4.28
C4X FAD B . -1.16 -1.64 3.30
N5 FAD B . -1.91 -1.51 4.42
C5X FAD B . -2.87 -0.55 4.49
C6 FAD B . -3.63 -0.39 5.65
C7 FAD B . -4.64 0.59 5.72
C7M FAD B . -5.46 0.81 7.02
C8 FAD B . -4.86 1.43 4.63
C8M FAD B . -5.94 2.55 4.70
C9 FAD B . -4.12 1.26 3.47
C9A FAD B . -3.11 0.29 3.41
N10 FAD B . -2.38 0.14 2.27
C10 FAD B . -1.42 -0.80 2.22
C1' FAD B . -2.76 0.84 1.03
C2' FAD B . -2.00 2.11 0.78
O2' FAD B . -1.56 2.76 1.84
C3' FAD B . -2.25 2.86 -0.48
O3' FAD B . -2.40 2.05 -1.61
C4' FAD B . -1.13 3.82 -0.71
O4' FAD B . -0.98 4.57 0.43
C5' FAD B . -1.52 4.71 -1.84
O5' FAD B . -0.72 5.85 -1.93
P FAD B . -1.14 7.22 -2.68
O1P FAD B . -1.37 6.98 -4.13
O2P FAD B . -0.13 8.31 -2.45
O3P FAD B . -2.52 7.68 -2.04
#